data_3V9A
#
_entry.id   3V9A
#
_cell.length_a   61.060
_cell.length_b   61.060
_cell.length_c   149.117
_cell.angle_alpha   90.000
_cell.angle_beta   90.000
_cell.angle_gamma   90.000
#
_symmetry.space_group_name_H-M   'P 41 21 2'
#
loop_
_entity.id
_entity.type
_entity.pdbx_description
1 polymer Esterase/lipase
2 non-polymer 'SULFATE ION'
3 water water
#
_entity_poly.entity_id   1
_entity_poly.type   'polypeptide(L)'
_entity_poly.pdbx_seq_one_letter_code
;MAGPEIVKLKKILREKAVPPGTEVPLDVMRKGMEKVAFKAADDIQVEQVTVAGCAAEWVRAPGCQAGKAILYLHGGGYVM
GSINTHRSMVGEISRASQAAALLLDYRLAPEHPFPAAVEDGVAAYRWLLDQGFKPQHLSISGDSAGGGLVLAVLVSARDQ
GLPMPASAIPISPWADMTCTNDSFKTRAEADPMVAPGGINKMAARYLNGADAKHPYASPNFANLKGLPPLLIHVGRDEVL
LDDSIKLDAKAKADGVKSTLEIWDDMIHVWHAFHPMLPEGKQAIVRVGEFMREQWAALAAALEHHHHHH
;
_entity_poly.pdbx_strand_id   A
#
loop_
_chem_comp.id
_chem_comp.type
_chem_comp.name
_chem_comp.formula
SO4 non-polymer 'SULFATE ION' 'O4 S -2'
#
# COMPACT_ATOMS: atom_id res chain seq x y z
N ALA A 2 -16.79 10.43 -16.53
CA ALA A 2 -16.69 9.48 -15.42
C ALA A 2 -17.65 8.31 -15.63
N GLY A 3 -17.15 7.11 -15.34
CA GLY A 3 -17.97 5.91 -15.45
C GLY A 3 -19.13 5.92 -14.47
N PRO A 4 -20.22 5.21 -14.80
CA PRO A 4 -21.37 5.15 -13.90
C PRO A 4 -21.02 4.52 -12.55
N GLU A 5 -20.13 3.52 -12.57
CA GLU A 5 -19.75 2.81 -11.34
C GLU A 5 -19.05 3.70 -10.31
N ILE A 6 -18.09 4.52 -10.76
CA ILE A 6 -17.36 5.36 -9.83
C ILE A 6 -18.27 6.46 -9.26
N VAL A 7 -19.17 6.95 -10.08
CA VAL A 7 -20.16 7.95 -9.66
C VAL A 7 -21.05 7.39 -8.55
N LYS A 8 -21.59 6.20 -8.78
CA LYS A 8 -22.41 5.54 -7.78
C LYS A 8 -21.57 5.11 -6.57
N LEU A 9 -20.31 4.77 -6.82
CA LEU A 9 -19.42 4.40 -5.73
C LEU A 9 -19.20 5.59 -4.79
N LYS A 10 -18.94 6.75 -5.37
CA LYS A 10 -18.74 7.96 -4.57
C LYS A 10 -20.01 8.33 -3.82
N LYS A 11 -21.16 8.09 -4.44
CA LYS A 11 -22.45 8.40 -3.82
C LYS A 11 -22.63 7.56 -2.55
N ILE A 12 -22.47 6.25 -2.69
CA ILE A 12 -22.60 5.32 -1.57
C ILE A 12 -21.64 5.64 -0.43
N LEU A 13 -20.39 5.93 -0.78
CA LEU A 13 -19.36 6.22 0.22
C LEU A 13 -19.69 7.42 1.09
N ARG A 14 -20.21 8.48 0.47
CA ARG A 14 -20.58 9.67 1.22
C ARG A 14 -21.83 9.44 2.05
N GLU A 15 -22.77 8.65 1.52
CA GLU A 15 -23.99 8.32 2.21
C GLU A 15 -23.74 7.43 3.43
N LYS A 16 -22.60 6.75 3.44
CA LYS A 16 -22.29 5.75 4.45
C LYS A 16 -21.21 6.20 5.44
N ALA A 17 -20.62 7.37 5.20
CA ALA A 17 -19.47 7.82 5.99
C ALA A 17 -19.87 8.68 7.18
N VAL A 18 -19.01 8.71 8.18
CA VAL A 18 -19.22 9.59 9.33
C VAL A 18 -18.94 11.03 8.90
N PRO A 19 -19.78 11.97 9.35
CA PRO A 19 -19.58 13.41 9.11
C PRO A 19 -18.16 13.88 9.47
N PRO A 20 -17.70 14.98 8.86
CA PRO A 20 -16.36 15.53 9.12
C PRO A 20 -16.20 16.00 10.57
N GLY A 21 -15.07 15.67 11.17
CA GLY A 21 -14.74 16.20 12.48
C GLY A 21 -15.22 15.46 13.72
N THR A 22 -16.11 14.48 13.55
CA THR A 22 -16.49 13.65 14.70
C THR A 22 -15.40 12.63 14.98
N GLU A 23 -15.08 12.43 16.26
CA GLU A 23 -13.97 11.56 16.59
C GLU A 23 -14.40 10.12 16.82
N VAL A 24 -14.15 9.27 15.84
CA VAL A 24 -14.42 7.85 16.00
C VAL A 24 -13.26 7.20 16.75
N PRO A 25 -13.57 6.55 17.89
CA PRO A 25 -12.53 5.83 18.63
C PRO A 25 -11.79 4.84 17.73
N LEU A 26 -10.53 4.58 18.02
CA LEU A 26 -9.73 3.72 17.17
C LEU A 26 -10.29 2.30 17.10
N ASP A 27 -10.65 1.73 18.25
CA ASP A 27 -11.17 0.36 18.26
C ASP A 27 -12.49 0.25 17.48
N VAL A 28 -13.23 1.35 17.42
CA VAL A 28 -14.45 1.39 16.62
C VAL A 28 -14.12 1.42 15.12
N MET A 29 -13.18 2.27 14.72
CA MET A 29 -12.71 2.28 13.34
C MET A 29 -12.15 0.92 12.93
N ARG A 30 -11.32 0.34 13.80
CA ARG A 30 -10.73 -0.98 13.55
C ARG A 30 -11.78 -2.06 13.31
N LYS A 31 -12.80 -2.10 14.15
CA LYS A 31 -13.85 -3.12 14.01
C LYS A 31 -14.73 -2.88 12.79
N GLY A 32 -14.99 -1.60 12.51
CA GLY A 32 -15.78 -1.23 11.35
C GLY A 32 -15.08 -1.63 10.07
N MET A 33 -13.76 -1.45 10.03
CA MET A 33 -13.01 -1.81 8.84
C MET A 33 -13.00 -3.33 8.64
N GLU A 34 -12.92 -4.08 9.74
CA GLU A 34 -13.00 -5.54 9.68
C GLU A 34 -14.34 -6.01 9.12
N LYS A 35 -15.42 -5.40 9.58
CA LYS A 35 -16.76 -5.88 9.22
C LYS A 35 -17.17 -5.57 7.78
N VAL A 36 -16.64 -4.49 7.21
CA VAL A 36 -16.98 -4.14 5.83
C VAL A 36 -16.00 -4.72 4.82
N ALA A 37 -15.03 -5.48 5.32
CA ALA A 37 -14.00 -6.08 4.47
C ALA A 37 -14.64 -7.04 3.48
N PHE A 38 -14.17 -7.01 2.22
CA PHE A 38 -14.69 -7.91 1.20
C PHE A 38 -14.20 -9.33 1.40
N LYS A 39 -15.09 -10.30 1.17
CA LYS A 39 -14.68 -11.69 1.14
C LYS A 39 -13.83 -11.93 -0.10
N ALA A 40 -12.70 -12.61 0.07
CA ALA A 40 -11.82 -12.91 -1.05
C ALA A 40 -12.53 -13.90 -1.98
N ALA A 41 -12.19 -13.87 -3.26
CA ALA A 41 -12.79 -14.81 -4.21
C ALA A 41 -12.55 -16.26 -3.76
N ASP A 42 -13.48 -17.15 -4.05
CA ASP A 42 -13.42 -18.51 -3.53
C ASP A 42 -12.34 -19.39 -4.17
N ASP A 43 -11.64 -18.86 -5.17
CA ASP A 43 -10.55 -19.63 -5.78
C ASP A 43 -9.20 -19.14 -5.26
N ILE A 44 -9.24 -18.18 -4.34
CA ILE A 44 -8.07 -17.70 -3.65
C ILE A 44 -7.71 -18.65 -2.52
N GLN A 45 -6.52 -19.23 -2.57
CA GLN A 45 -6.09 -20.13 -1.51
C GLN A 45 -5.25 -19.36 -0.51
N VAL A 46 -5.31 -19.81 0.74
CA VAL A 46 -4.71 -19.07 1.83
C VAL A 46 -4.00 -20.01 2.80
N GLU A 47 -2.82 -19.62 3.26
CA GLU A 47 -2.07 -20.39 4.24
C GLU A 47 -1.46 -19.49 5.31
N GLN A 48 -1.79 -19.76 6.57
CA GLN A 48 -1.27 -18.96 7.67
C GLN A 48 0.20 -19.31 7.96
N VAL A 49 1.01 -18.28 8.15
CA VAL A 49 2.40 -18.45 8.55
C VAL A 49 2.80 -17.37 9.56
N THR A 50 3.87 -17.64 10.31
CA THR A 50 4.45 -16.62 11.17
C THR A 50 5.73 -16.10 10.52
N VAL A 51 5.77 -14.79 10.26
CA VAL A 51 6.91 -14.17 9.60
C VAL A 51 7.42 -13.00 10.44
N ALA A 52 8.68 -13.12 10.90
CA ALA A 52 9.32 -12.08 11.72
C ALA A 52 8.50 -11.71 12.95
N GLY A 53 7.98 -12.72 13.65
CA GLY A 53 7.16 -12.49 14.82
C GLY A 53 5.75 -12.00 14.53
N CYS A 54 5.41 -11.86 13.25
CA CYS A 54 4.08 -11.38 12.86
C CYS A 54 3.25 -12.48 12.21
N ALA A 55 1.94 -12.44 12.43
CA ALA A 55 1.05 -13.32 11.69
C ALA A 55 1.05 -12.88 10.23
N ALA A 56 0.86 -13.82 9.33
CA ALA A 56 0.80 -13.48 7.91
C ALA A 56 0.04 -14.57 7.19
N GLU A 57 -0.31 -14.31 5.94
CA GLU A 57 -0.93 -15.32 5.12
C GLU A 57 -0.21 -15.34 3.79
N TRP A 58 0.07 -16.52 3.28
CA TRP A 58 0.44 -16.66 1.88
C TRP A 58 -0.86 -16.56 1.11
N VAL A 59 -0.98 -15.59 0.23
CA VAL A 59 -2.22 -15.47 -0.55
C VAL A 59 -1.96 -15.94 -1.98
N ARG A 60 -2.53 -17.08 -2.34
CA ARG A 60 -2.25 -17.66 -3.64
C ARG A 60 -3.49 -17.77 -4.52
N ALA A 61 -3.55 -16.94 -5.55
CA ALA A 61 -4.57 -17.07 -6.58
C ALA A 61 -4.21 -18.23 -7.49
N PRO A 62 -5.14 -18.65 -8.37
CA PRO A 62 -4.68 -19.63 -9.37
C PRO A 62 -3.66 -19.01 -10.32
N GLY A 63 -2.86 -19.84 -10.96
CA GLY A 63 -1.86 -19.38 -11.91
C GLY A 63 -0.55 -18.89 -11.31
N CYS A 64 -0.33 -19.11 -10.02
CA CYS A 64 0.90 -18.61 -9.38
C CYS A 64 2.16 -19.35 -9.83
N GLN A 65 3.19 -18.58 -10.19
CA GLN A 65 4.45 -19.16 -10.65
C GLN A 65 5.34 -19.56 -9.49
N ALA A 66 5.99 -20.71 -9.63
CA ALA A 66 6.96 -21.15 -8.64
C ALA A 66 8.15 -20.19 -8.60
N GLY A 67 8.67 -19.95 -7.41
CA GLY A 67 9.85 -19.10 -7.26
C GLY A 67 9.58 -17.62 -7.02
N LYS A 68 8.41 -17.13 -7.42
CA LYS A 68 8.11 -15.71 -7.28
C LYS A 68 7.25 -15.42 -6.05
N ALA A 69 7.33 -14.19 -5.56
CA ALA A 69 6.56 -13.76 -4.39
C ALA A 69 6.46 -12.24 -4.30
N ILE A 70 5.37 -11.77 -3.70
CA ILE A 70 5.16 -10.35 -3.44
C ILE A 70 5.02 -10.16 -1.95
N LEU A 71 5.83 -9.28 -1.37
CA LEU A 71 5.58 -8.85 0.00
C LEU A 71 4.52 -7.75 -0.06
N TYR A 72 3.35 -7.98 0.54
CA TYR A 72 2.31 -6.96 0.51
C TYR A 72 2.12 -6.25 1.86
N LEU A 73 2.07 -4.93 1.80
CA LEU A 73 1.92 -4.10 2.99
C LEU A 73 0.60 -3.32 2.97
N HIS A 74 -0.33 -3.71 3.85
CA HIS A 74 -1.70 -3.19 3.80
C HIS A 74 -1.81 -1.75 4.28
N GLY A 75 -2.88 -1.08 3.85
CA GLY A 75 -3.19 0.26 4.34
C GLY A 75 -3.94 0.25 5.65
N GLY A 76 -4.26 1.44 6.14
CA GLY A 76 -4.92 1.57 7.43
C GLY A 76 -4.27 2.63 8.31
N GLY A 77 -3.66 3.62 7.65
CA GLY A 77 -3.09 4.77 8.33
C GLY A 77 -2.08 4.44 9.40
N TYR A 78 -1.48 3.26 9.30
CA TYR A 78 -0.54 2.73 10.31
C TYR A 78 -1.20 2.40 11.67
N VAL A 79 -2.52 2.55 11.77
CA VAL A 79 -3.21 2.34 13.05
C VAL A 79 -4.29 1.27 12.98
N MET A 80 -4.55 0.77 11.77
CA MET A 80 -5.61 -0.21 11.58
C MET A 80 -5.36 -1.04 10.33
N GLY A 81 -6.34 -1.86 9.96
CA GLY A 81 -6.19 -2.76 8.84
C GLY A 81 -5.60 -4.08 9.30
N SER A 82 -5.68 -5.10 8.45
CA SER A 82 -5.23 -6.43 8.82
C SER A 82 -5.13 -7.32 7.59
N ILE A 83 -4.85 -8.59 7.82
CA ILE A 83 -4.83 -9.58 6.76
C ILE A 83 -6.22 -9.71 6.19
N ASN A 84 -7.21 -9.75 7.09
CA ASN A 84 -8.61 -9.85 6.72
C ASN A 84 -9.13 -8.69 5.87
N THR A 85 -8.72 -7.46 6.20
CA THR A 85 -9.24 -6.31 5.46
C THR A 85 -8.74 -6.25 4.03
N HIS A 86 -7.57 -6.83 3.79
CA HIS A 86 -6.93 -6.69 2.48
C HIS A 86 -6.81 -8.00 1.69
N ARG A 87 -7.33 -9.11 2.24
CA ARG A 87 -7.17 -10.41 1.59
C ARG A 87 -7.80 -10.47 0.19
N SER A 88 -8.90 -9.75 0.00
CA SER A 88 -9.62 -9.72 -1.28
C SER A 88 -8.80 -9.06 -2.40
N MET A 89 -8.33 -7.85 -2.14
CA MET A 89 -7.55 -7.08 -3.10
C MET A 89 -6.20 -7.76 -3.39
N VAL A 90 -5.59 -8.33 -2.35
CA VAL A 90 -4.30 -8.99 -2.49
C VAL A 90 -4.42 -10.27 -3.33
N GLY A 91 -5.54 -10.96 -3.18
CA GLY A 91 -5.82 -12.13 -4.00
C GLY A 91 -5.87 -11.78 -5.47
N GLU A 92 -6.53 -10.67 -5.79
CA GLU A 92 -6.64 -10.22 -7.16
C GLU A 92 -5.31 -9.72 -7.73
N ILE A 93 -4.46 -9.19 -6.86
CA ILE A 93 -3.12 -8.82 -7.27
C ILE A 93 -2.30 -10.07 -7.58
N SER A 94 -2.38 -11.04 -6.68
CA SER A 94 -1.80 -12.35 -6.91
C SER A 94 -2.27 -12.91 -8.26
N ARG A 95 -3.57 -12.81 -8.55
CA ARG A 95 -4.10 -13.32 -9.80
C ARG A 95 -3.49 -12.62 -11.03
N ALA A 96 -3.43 -11.30 -10.99
CA ALA A 96 -2.94 -10.53 -12.13
C ALA A 96 -1.43 -10.67 -12.33
N SER A 97 -0.71 -10.86 -11.23
CA SER A 97 0.74 -10.95 -11.26
C SER A 97 1.24 -12.38 -11.39
N GLN A 98 0.32 -13.33 -11.24
CA GLN A 98 0.65 -14.75 -11.29
C GLN A 98 1.75 -15.11 -10.29
N ALA A 99 1.66 -14.54 -9.09
CA ALA A 99 2.63 -14.82 -8.04
C ALA A 99 1.95 -14.82 -6.67
N ALA A 100 2.36 -15.72 -5.79
CA ALA A 100 1.81 -15.75 -4.44
C ALA A 100 2.21 -14.48 -3.68
N ALA A 101 1.39 -14.08 -2.71
CA ALA A 101 1.67 -12.87 -1.97
C ALA A 101 1.79 -13.11 -0.47
N LEU A 102 2.81 -12.52 0.14
CA LEU A 102 2.98 -12.59 1.59
C LEU A 102 2.29 -11.38 2.22
N LEU A 103 1.11 -11.61 2.79
CA LEU A 103 0.33 -10.53 3.40
C LEU A 103 0.68 -10.41 4.87
N LEU A 104 1.38 -9.33 5.22
CA LEU A 104 2.00 -9.17 6.53
C LEU A 104 1.11 -8.43 7.51
N ASP A 105 0.83 -9.03 8.65
CA ASP A 105 0.17 -8.32 9.74
C ASP A 105 1.23 -7.59 10.58
N TYR A 106 1.82 -6.54 10.03
CA TYR A 106 2.85 -5.79 10.72
C TYR A 106 2.29 -5.03 11.93
N ARG A 107 3.18 -4.66 12.85
CA ARG A 107 2.78 -3.99 14.11
C ARG A 107 2.19 -2.60 13.90
N LEU A 108 1.09 -2.33 14.59
CA LEU A 108 0.36 -1.08 14.40
C LEU A 108 0.49 -0.11 15.56
N ALA A 109 0.37 1.17 15.25
CA ALA A 109 0.27 2.23 16.26
C ALA A 109 -1.18 2.29 16.76
N PRO A 110 -1.41 2.85 17.96
CA PRO A 110 -0.44 3.43 18.90
C PRO A 110 0.24 2.39 19.78
N GLU A 111 -0.22 1.13 19.73
CA GLU A 111 0.42 0.08 20.51
C GLU A 111 1.89 -0.06 20.13
N HIS A 112 2.16 0.00 18.83
CA HIS A 112 3.55 -0.09 18.35
C HIS A 112 3.84 1.04 17.38
N PRO A 113 4.34 2.17 17.91
CA PRO A 113 4.58 3.35 17.06
C PRO A 113 5.78 3.18 16.14
N PHE A 114 5.93 4.12 15.20
CA PHE A 114 7.13 4.21 14.36
C PHE A 114 8.38 4.02 15.23
N PRO A 115 9.34 3.20 14.77
CA PRO A 115 9.42 2.57 13.44
C PRO A 115 9.02 1.10 13.39
N ALA A 116 8.17 0.62 14.30
CA ALA A 116 7.80 -0.79 14.35
C ALA A 116 7.41 -1.39 12.98
N ALA A 117 6.55 -0.69 12.24
CA ALA A 117 6.08 -1.17 10.95
C ALA A 117 7.20 -1.39 9.93
N VAL A 118 8.17 -0.47 9.93
CA VAL A 118 9.32 -0.57 9.04
C VAL A 118 10.19 -1.78 9.39
N GLU A 119 10.43 -1.95 10.69
CA GLU A 119 11.18 -3.11 11.16
C GLU A 119 10.53 -4.42 10.70
N ASP A 120 9.20 -4.50 10.84
CA ASP A 120 8.49 -5.70 10.42
C ASP A 120 8.58 -5.90 8.90
N GLY A 121 8.43 -4.83 8.14
CA GLY A 121 8.54 -4.89 6.70
C GLY A 121 9.91 -5.37 6.25
N VAL A 122 10.97 -4.72 6.78
CA VAL A 122 12.33 -5.10 6.43
C VAL A 122 12.63 -6.55 6.81
N ALA A 123 12.23 -6.95 8.01
CA ALA A 123 12.48 -8.31 8.48
C ALA A 123 11.71 -9.33 7.66
N ALA A 124 10.50 -8.98 7.24
CA ALA A 124 9.70 -9.86 6.41
C ALA A 124 10.37 -10.03 5.05
N TYR A 125 10.88 -8.94 4.49
CA TYR A 125 11.60 -9.00 3.23
C TYR A 125 12.85 -9.86 3.38
N ARG A 126 13.54 -9.67 4.50
CA ARG A 126 14.72 -10.48 4.79
C ARG A 126 14.35 -11.95 4.96
N TRP A 127 13.18 -12.20 5.55
CA TRP A 127 12.66 -13.56 5.71
C TRP A 127 12.44 -14.24 4.36
N LEU A 128 11.83 -13.51 3.42
CA LEU A 128 11.64 -13.99 2.06
C LEU A 128 12.95 -14.45 1.42
N LEU A 129 13.99 -13.63 1.59
CA LEU A 129 15.31 -13.93 1.06
C LEU A 129 15.88 -15.21 1.67
N ASP A 130 15.78 -15.33 3.00
CA ASP A 130 16.31 -16.50 3.68
C ASP A 130 15.52 -17.77 3.38
N GLN A 131 14.27 -17.62 2.94
CA GLN A 131 13.48 -18.78 2.52
C GLN A 131 13.96 -19.33 1.18
N GLY A 132 14.70 -18.50 0.45
CA GLY A 132 15.29 -18.92 -0.82
C GLY A 132 14.73 -18.19 -2.02
N PHE A 133 13.98 -17.12 -1.77
CA PHE A 133 13.46 -16.31 -2.87
C PHE A 133 14.54 -15.37 -3.41
N LYS A 134 14.81 -15.46 -4.70
CA LYS A 134 15.80 -14.57 -5.30
C LYS A 134 15.24 -13.16 -5.40
N PRO A 135 16.11 -12.15 -5.20
CA PRO A 135 15.73 -10.73 -5.32
C PRO A 135 15.06 -10.45 -6.65
N GLN A 136 15.56 -11.06 -7.72
CA GLN A 136 15.00 -10.85 -9.06
C GLN A 136 13.62 -11.49 -9.21
N HIS A 137 13.22 -12.29 -8.23
CA HIS A 137 11.92 -12.96 -8.28
C HIS A 137 10.94 -12.35 -7.29
N LEU A 138 11.31 -11.20 -6.74
CA LEU A 138 10.50 -10.55 -5.71
C LEU A 138 9.93 -9.20 -6.16
N SER A 139 8.93 -8.75 -5.41
CA SER A 139 8.31 -7.44 -5.60
C SER A 139 7.70 -7.04 -4.27
N ILE A 140 7.56 -5.73 -4.04
CA ILE A 140 6.97 -5.24 -2.81
C ILE A 140 5.85 -4.28 -3.21
N SER A 141 4.67 -4.45 -2.63
CA SER A 141 3.54 -3.61 -2.99
C SER A 141 2.70 -3.30 -1.76
N GLY A 142 1.91 -2.24 -1.86
CA GLY A 142 1.12 -1.83 -0.71
C GLY A 142 0.31 -0.59 -0.98
N ASP A 143 -0.69 -0.35 -0.15
CA ASP A 143 -1.64 0.71 -0.41
C ASP A 143 -1.70 1.71 0.74
N SER A 144 -1.91 2.98 0.38
CA SER A 144 -2.08 4.05 1.36
C SER A 144 -0.86 4.11 2.28
N ALA A 145 -1.08 3.98 3.58
CA ALA A 145 0.03 3.94 4.53
C ALA A 145 1.02 2.83 4.14
N GLY A 146 0.48 1.72 3.65
CA GLY A 146 1.30 0.60 3.24
C GLY A 146 2.12 0.88 2.00
N GLY A 147 1.65 1.82 1.18
CA GLY A 147 2.37 2.25 -0.01
C GLY A 147 3.56 3.11 0.35
N GLY A 148 3.43 3.93 1.38
CA GLY A 148 4.57 4.64 1.93
C GLY A 148 5.52 3.63 2.57
N LEU A 149 4.96 2.68 3.31
CA LEU A 149 5.73 1.64 3.98
C LEU A 149 6.59 0.87 2.99
N VAL A 150 6.07 0.66 1.78
CA VAL A 150 6.83 0.02 0.72
C VAL A 150 8.16 0.74 0.47
N LEU A 151 8.09 2.05 0.34
CA LEU A 151 9.27 2.86 0.03
C LEU A 151 10.22 2.91 1.21
N ALA A 152 9.66 2.99 2.42
CA ALA A 152 10.47 3.04 3.64
C ALA A 152 11.22 1.73 3.84
N VAL A 153 10.53 0.62 3.61
CA VAL A 153 11.13 -0.69 3.72
C VAL A 153 12.29 -0.82 2.73
N LEU A 154 12.08 -0.37 1.50
CA LEU A 154 13.15 -0.41 0.49
C LEU A 154 14.35 0.42 0.91
N VAL A 155 14.11 1.65 1.34
CA VAL A 155 15.19 2.54 1.74
C VAL A 155 15.94 1.98 2.94
N SER A 156 15.21 1.53 3.95
CA SER A 156 15.82 0.91 5.13
C SER A 156 16.61 -0.33 4.73
N ALA A 157 15.99 -1.23 3.97
CA ALA A 157 16.67 -2.45 3.55
C ALA A 157 17.97 -2.14 2.79
N ARG A 158 17.90 -1.13 1.93
CA ARG A 158 19.09 -0.71 1.18
C ARG A 158 20.19 -0.18 2.11
N ASP A 159 19.82 0.60 3.12
CA ASP A 159 20.80 1.12 4.06
C ASP A 159 21.44 -0.02 4.86
N GLN A 160 20.70 -1.12 5.01
CA GLN A 160 21.20 -2.28 5.75
C GLN A 160 21.90 -3.30 4.86
N GLY A 161 22.12 -2.93 3.60
CA GLY A 161 22.87 -3.77 2.69
C GLY A 161 22.09 -4.91 2.05
N LEU A 162 20.76 -4.87 2.21
CA LEU A 162 19.91 -5.88 1.61
C LEU A 162 19.80 -5.63 0.09
N PRO A 163 19.71 -6.71 -0.70
CA PRO A 163 19.55 -6.56 -2.16
C PRO A 163 18.17 -6.04 -2.52
N MET A 164 18.05 -5.26 -3.59
CA MET A 164 16.76 -4.72 -3.99
C MET A 164 15.95 -5.74 -4.81
N PRO A 165 14.62 -5.74 -4.65
CA PRO A 165 13.79 -6.66 -5.45
C PRO A 165 13.62 -6.16 -6.88
N ALA A 166 12.89 -6.90 -7.70
CA ALA A 166 12.77 -6.55 -9.12
C ALA A 166 11.86 -5.34 -9.36
N SER A 167 10.91 -5.10 -8.46
CA SER A 167 9.97 -4.00 -8.61
C SER A 167 9.29 -3.61 -7.31
N ALA A 168 8.65 -2.45 -7.32
CA ALA A 168 7.86 -1.99 -6.19
C ALA A 168 6.67 -1.18 -6.71
N ILE A 169 5.49 -1.45 -6.17
CA ILE A 169 4.28 -0.78 -6.62
C ILE A 169 3.51 -0.23 -5.44
N PRO A 170 3.78 1.05 -5.09
CA PRO A 170 2.96 1.75 -4.10
C PRO A 170 1.63 2.21 -4.69
N ILE A 171 0.54 1.86 -4.01
CA ILE A 171 -0.81 2.21 -4.45
C ILE A 171 -1.36 3.32 -3.57
N SER A 172 -1.64 4.47 -4.16
CA SER A 172 -2.07 5.65 -3.42
C SER A 172 -1.20 5.89 -2.19
N PRO A 173 0.13 5.96 -2.37
CA PRO A 173 0.98 5.95 -1.17
C PRO A 173 0.83 7.19 -0.31
N TRP A 174 0.83 6.98 1.00
CA TRP A 174 0.97 8.08 1.94
C TRP A 174 2.45 8.16 2.29
N ALA A 175 3.15 9.09 1.65
CA ALA A 175 4.61 9.15 1.77
C ALA A 175 5.12 10.40 2.47
N ASP A 176 4.20 11.17 3.06
CA ASP A 176 4.53 12.44 3.71
C ASP A 176 3.65 12.63 4.95
N MET A 177 4.23 12.41 6.13
CA MET A 177 3.48 12.48 7.39
C MET A 177 3.06 13.91 7.73
N THR A 178 3.68 14.90 7.10
CA THR A 178 3.36 16.30 7.40
C THR A 178 1.99 16.74 6.89
N CYS A 179 1.50 16.06 5.87
CA CYS A 179 0.19 16.36 5.28
C CYS A 179 0.03 17.85 4.96
N THR A 180 1.05 18.43 4.36
CA THR A 180 1.05 19.86 4.04
C THR A 180 0.87 20.11 2.55
N ASN A 181 0.76 19.05 1.76
CA ASN A 181 0.63 19.21 0.31
C ASN A 181 -0.67 19.91 -0.10
N ASP A 182 -0.60 20.59 -1.25
CA ASP A 182 -1.74 21.36 -1.78
C ASP A 182 -3.00 20.53 -2.03
N SER A 183 -2.82 19.29 -2.48
CA SER A 183 -3.97 18.43 -2.77
C SER A 183 -4.88 18.19 -1.55
N PHE A 184 -4.34 18.36 -0.34
CA PHE A 184 -5.18 18.28 0.85
C PHE A 184 -6.22 19.41 0.86
N LYS A 185 -5.90 20.52 0.20
CA LYS A 185 -6.87 21.60 0.02
C LYS A 185 -7.61 21.45 -1.32
N THR A 186 -6.84 21.28 -2.39
CA THR A 186 -7.35 21.40 -3.75
C THR A 186 -8.06 20.14 -4.27
N ARG A 187 -7.96 19.03 -3.53
CA ARG A 187 -8.65 17.80 -3.94
C ARG A 187 -9.62 17.32 -2.86
N ALA A 188 -9.75 18.11 -1.80
CA ALA A 188 -10.52 17.74 -0.62
C ALA A 188 -12.02 17.61 -0.94
N GLU A 189 -12.48 18.40 -1.91
CA GLU A 189 -13.88 18.36 -2.31
C GLU A 189 -14.24 17.02 -2.97
N ALA A 190 -13.36 16.53 -3.83
CA ALA A 190 -13.64 15.31 -4.59
C ALA A 190 -13.24 14.02 -3.87
N ASP A 191 -12.73 14.12 -2.64
CA ASP A 191 -12.27 12.94 -1.90
C ASP A 191 -13.30 12.48 -0.87
N PRO A 192 -13.97 11.34 -1.14
CA PRO A 192 -14.94 10.81 -0.18
C PRO A 192 -14.29 9.84 0.81
N MET A 193 -12.99 9.57 0.64
CA MET A 193 -12.28 8.62 1.50
C MET A 193 -11.29 9.32 2.42
N GLY A 197 -7.46 16.98 10.96
CA GLY A 197 -7.71 15.85 10.07
C GLY A 197 -7.66 14.55 10.82
N GLY A 198 -8.45 13.58 10.37
CA GLY A 198 -8.43 12.24 10.95
C GLY A 198 -7.11 11.59 10.58
N ILE A 199 -6.61 11.96 9.41
CA ILE A 199 -5.32 11.50 8.93
C ILE A 199 -4.19 12.09 9.78
N ASN A 200 -4.36 13.32 10.26
CA ASN A 200 -3.35 13.94 11.12
C ASN A 200 -3.22 13.21 12.46
N LYS A 201 -4.35 12.77 13.00
CA LYS A 201 -4.40 12.02 14.25
C LYS A 201 -3.63 10.70 14.10
N MET A 202 -3.84 10.03 12.97
CA MET A 202 -3.13 8.79 12.69
C MET A 202 -1.63 9.02 12.58
N ALA A 203 -1.24 10.11 11.93
CA ALA A 203 0.17 10.48 11.85
C ALA A 203 0.73 10.71 13.25
N ALA A 204 -0.03 11.38 14.09
CA ALA A 204 0.37 11.64 15.47
C ALA A 204 0.54 10.33 16.24
N ARG A 205 -0.34 9.38 15.98
CA ARG A 205 -0.29 8.08 16.65
C ARG A 205 0.91 7.25 16.21
N TYR A 206 1.20 7.28 14.92
CA TYR A 206 2.31 6.51 14.37
C TYR A 206 3.65 7.07 14.82
N LEU A 207 3.82 8.38 14.62
CA LEU A 207 5.08 9.07 14.93
C LEU A 207 5.40 9.04 16.42
N ASN A 208 4.40 9.39 17.23
CA ASN A 208 4.54 9.43 18.68
C ASN A 208 5.75 10.27 19.11
N GLY A 209 5.87 11.47 18.53
CA GLY A 209 6.94 12.37 18.89
C GLY A 209 8.10 12.39 17.89
N ALA A 210 8.12 11.42 16.99
CA ALA A 210 9.22 11.32 16.02
C ALA A 210 9.14 12.37 14.93
N ASP A 211 10.27 12.67 14.31
CA ASP A 211 10.35 13.63 13.20
C ASP A 211 9.47 13.19 12.02
N ALA A 212 8.55 14.06 11.62
CA ALA A 212 7.65 13.75 10.52
C ALA A 212 8.39 13.71 9.17
N LYS A 213 9.59 14.27 9.15
CA LYS A 213 10.40 14.25 7.93
C LYS A 213 11.42 13.12 7.96
N HIS A 214 11.31 12.25 8.95
CA HIS A 214 12.16 11.05 9.01
C HIS A 214 11.95 10.21 7.76
N PRO A 215 13.05 9.91 7.04
CA PRO A 215 13.06 9.17 5.77
C PRO A 215 12.27 7.88 5.80
N TYR A 216 12.28 7.17 6.93
CA TYR A 216 11.57 5.91 7.06
C TYR A 216 10.10 6.12 7.42
N ALA A 217 9.77 7.34 7.85
CA ALA A 217 8.39 7.72 8.13
C ALA A 217 7.75 8.32 6.88
N SER A 218 8.49 9.22 6.25
CA SER A 218 8.04 9.96 5.08
C SER A 218 9.08 9.84 3.99
N PRO A 219 8.98 8.78 3.16
CA PRO A 219 9.93 8.47 2.10
C PRO A 219 10.06 9.55 1.02
N ASN A 220 9.13 10.49 0.97
CA ASN A 220 9.27 11.62 0.06
C ASN A 220 10.43 12.54 0.46
N PHE A 221 10.96 12.36 1.67
CA PHE A 221 12.14 13.11 2.12
C PHE A 221 13.38 12.22 2.19
N ALA A 222 13.24 10.97 1.75
CA ALA A 222 14.31 9.99 1.84
C ALA A 222 15.22 10.03 0.61
N ASN A 223 16.41 9.47 0.75
CA ASN A 223 17.29 9.21 -0.38
C ASN A 223 16.84 7.93 -1.09
N LEU A 224 16.30 8.06 -2.30
CA LEU A 224 15.73 6.91 -2.99
C LEU A 224 16.72 6.21 -3.93
N LYS A 225 17.96 6.69 -3.94
CA LYS A 225 18.97 6.21 -4.87
C LYS A 225 19.17 4.69 -4.78
N GLY A 226 19.17 4.03 -5.93
CA GLY A 226 19.34 2.59 -5.99
C GLY A 226 18.07 1.76 -5.95
N LEU A 227 16.93 2.42 -5.72
CA LEU A 227 15.65 1.71 -5.62
C LEU A 227 15.26 1.00 -6.92
N PRO A 228 14.45 -0.08 -6.83
CA PRO A 228 13.96 -0.81 -8.01
C PRO A 228 12.97 0.03 -8.83
N PRO A 229 12.67 -0.40 -10.07
CA PRO A 229 11.68 0.30 -10.90
C PRO A 229 10.32 0.43 -10.21
N LEU A 230 9.72 1.61 -10.29
CA LEU A 230 8.50 1.92 -9.57
C LEU A 230 7.30 2.05 -10.49
N LEU A 231 6.16 1.52 -10.04
CA LEU A 231 4.86 1.83 -10.62
C LEU A 231 4.05 2.49 -9.52
N ILE A 232 3.68 3.74 -9.71
CA ILE A 232 2.93 4.46 -8.70
C ILE A 232 1.52 4.69 -9.22
N HIS A 233 0.54 4.13 -8.52
CA HIS A 233 -0.87 4.37 -8.85
C HIS A 233 -1.47 5.39 -7.88
N VAL A 234 -2.27 6.30 -8.42
CA VAL A 234 -2.93 7.30 -7.58
C VAL A 234 -4.16 7.81 -8.32
N GLY A 235 -5.18 8.23 -7.59
CA GLY A 235 -6.38 8.78 -8.21
C GLY A 235 -6.29 10.28 -8.29
N ARG A 236 -6.88 10.87 -9.32
CA ARG A 236 -6.87 12.33 -9.43
C ARG A 236 -7.74 12.95 -8.34
N ASP A 237 -8.73 12.20 -7.88
CA ASP A 237 -9.66 12.69 -6.86
C ASP A 237 -9.32 12.17 -5.46
N GLU A 238 -8.09 12.42 -5.03
CA GLU A 238 -7.71 12.13 -3.64
C GLU A 238 -6.74 13.16 -3.07
N VAL A 239 -6.77 13.33 -1.76
CA VAL A 239 -5.95 14.34 -1.11
C VAL A 239 -4.47 13.98 -1.12
N LEU A 240 -4.17 12.70 -1.38
CA LEU A 240 -2.80 12.23 -1.43
C LEU A 240 -2.19 12.29 -2.84
N LEU A 241 -2.83 13.04 -3.73
CA LEU A 241 -2.34 13.19 -5.10
C LEU A 241 -0.90 13.66 -5.12
N ASP A 242 -0.65 14.80 -4.47
CA ASP A 242 0.68 15.41 -4.46
C ASP A 242 1.76 14.50 -3.85
N ASP A 243 1.37 13.61 -2.95
CA ASP A 243 2.32 12.64 -2.39
C ASP A 243 2.91 11.81 -3.52
N SER A 244 2.04 11.32 -4.41
CA SER A 244 2.48 10.50 -5.54
C SER A 244 3.26 11.30 -6.57
N ILE A 245 2.81 12.52 -6.86
CA ILE A 245 3.48 13.35 -7.86
C ILE A 245 4.88 13.73 -7.40
N LYS A 246 5.01 14.00 -6.10
CA LYS A 246 6.28 14.38 -5.51
C LYS A 246 7.21 13.17 -5.34
N LEU A 247 6.63 12.02 -5.04
CA LEU A 247 7.39 10.78 -4.96
C LEU A 247 8.03 10.46 -6.30
N ASP A 248 7.22 10.50 -7.35
CA ASP A 248 7.68 10.30 -8.72
C ASP A 248 8.87 11.21 -9.03
N ALA A 249 8.68 12.50 -8.77
CA ALA A 249 9.72 13.50 -9.02
C ALA A 249 10.99 13.23 -8.22
N LYS A 250 10.83 12.81 -6.97
CA LYS A 250 11.96 12.47 -6.09
C LYS A 250 12.71 11.26 -6.64
N ALA A 251 11.95 10.25 -7.06
CA ALA A 251 12.51 9.03 -7.61
C ALA A 251 13.31 9.31 -8.88
N LYS A 252 12.70 10.08 -9.79
CA LYS A 252 13.36 10.50 -11.01
C LYS A 252 14.71 11.14 -10.74
N ALA A 253 14.73 12.11 -9.84
CA ALA A 253 15.93 12.87 -9.55
C ALA A 253 17.00 11.98 -8.91
N ASP A 254 16.57 10.96 -8.18
CA ASP A 254 17.49 10.04 -7.53
C ASP A 254 17.87 8.83 -8.40
N GLY A 255 17.59 8.93 -9.70
CA GLY A 255 18.01 7.91 -10.64
C GLY A 255 17.05 6.74 -10.88
N VAL A 256 16.03 6.64 -10.04
CA VAL A 256 15.08 5.52 -10.11
C VAL A 256 14.16 5.59 -11.34
N LYS A 257 14.01 4.47 -12.04
CA LYS A 257 13.03 4.38 -13.11
C LYS A 257 11.62 4.34 -12.51
N SER A 258 10.92 5.46 -12.57
CA SER A 258 9.60 5.54 -11.96
C SER A 258 8.51 5.76 -13.01
N THR A 259 7.37 5.10 -12.81
CA THR A 259 6.21 5.29 -13.67
C THR A 259 4.99 5.68 -12.83
N LEU A 260 4.50 6.89 -13.06
CA LEU A 260 3.39 7.44 -12.31
C LEU A 260 2.14 7.39 -13.15
N GLU A 261 1.09 6.76 -12.64
CA GLU A 261 -0.19 6.76 -13.31
C GLU A 261 -1.26 7.41 -12.43
N ILE A 262 -1.68 8.62 -12.82
CA ILE A 262 -2.78 9.30 -12.15
C ILE A 262 -4.08 8.92 -12.89
N TRP A 263 -4.93 8.13 -12.24
CA TRP A 263 -6.16 7.67 -12.88
C TRP A 263 -7.30 8.65 -12.68
N ASP A 264 -7.88 9.12 -13.78
CA ASP A 264 -8.93 10.13 -13.73
C ASP A 264 -10.21 9.65 -13.04
N ASP A 265 -10.78 10.54 -12.24
CA ASP A 265 -12.02 10.30 -11.50
C ASP A 265 -11.92 9.26 -10.40
N MET A 266 -10.73 8.68 -10.23
CA MET A 266 -10.55 7.63 -9.23
C MET A 266 -10.32 8.18 -7.84
N ILE A 267 -10.63 7.36 -6.84
CA ILE A 267 -10.54 7.73 -5.44
C ILE A 267 -9.40 6.94 -4.79
N HIS A 268 -9.21 7.15 -3.49
CA HIS A 268 -8.14 6.49 -2.73
C HIS A 268 -8.26 4.96 -2.78
N VAL A 269 -7.16 4.30 -3.15
CA VAL A 269 -7.10 2.84 -3.30
C VAL A 269 -8.36 2.28 -3.96
N TRP A 270 -8.72 2.84 -5.10
CA TRP A 270 -9.91 2.39 -5.81
C TRP A 270 -9.82 0.91 -6.17
N HIS A 271 -8.60 0.40 -6.21
CA HIS A 271 -8.31 -1.04 -6.39
C HIS A 271 -9.16 -1.91 -5.47
N ALA A 272 -9.38 -1.44 -4.25
CA ALA A 272 -10.09 -2.25 -3.25
C ALA A 272 -11.56 -2.44 -3.59
N PHE A 273 -12.07 -1.62 -4.51
CA PHE A 273 -13.46 -1.74 -4.92
C PHE A 273 -13.62 -2.48 -6.24
N HIS A 274 -12.64 -3.33 -6.55
CA HIS A 274 -12.68 -4.17 -7.75
C HIS A 274 -13.95 -5.01 -7.98
N PRO A 275 -14.66 -5.43 -6.91
CA PRO A 275 -15.88 -6.18 -7.23
C PRO A 275 -16.95 -5.38 -7.98
N MET A 276 -17.02 -4.07 -7.76
CA MET A 276 -18.04 -3.26 -8.42
C MET A 276 -17.47 -2.10 -9.25
N LEU A 277 -16.15 -1.97 -9.29
CA LEU A 277 -15.51 -0.90 -10.06
C LEU A 277 -14.58 -1.46 -11.13
N PRO A 278 -14.95 -1.31 -12.41
CA PRO A 278 -14.16 -1.85 -13.52
C PRO A 278 -12.76 -1.26 -13.54
N GLU A 279 -12.62 0.01 -13.21
CA GLU A 279 -11.31 0.65 -13.11
C GLU A 279 -10.48 0.03 -11.98
N GLY A 280 -11.16 -0.49 -10.96
CA GLY A 280 -10.49 -1.12 -9.84
C GLY A 280 -9.88 -2.42 -10.31
N LYS A 281 -10.63 -3.16 -11.12
CA LYS A 281 -10.11 -4.38 -11.71
C LYS A 281 -8.97 -4.06 -12.67
N GLN A 282 -9.20 -3.09 -13.56
CA GLN A 282 -8.21 -2.65 -14.54
C GLN A 282 -6.86 -2.30 -13.93
N ALA A 283 -6.88 -1.53 -12.84
CA ALA A 283 -5.65 -1.07 -12.20
C ALA A 283 -4.90 -2.24 -11.55
N ILE A 284 -5.65 -3.16 -10.96
CA ILE A 284 -5.06 -4.37 -10.40
C ILE A 284 -4.40 -5.20 -11.49
N VAL A 285 -5.07 -5.33 -12.63
CA VAL A 285 -4.49 -6.02 -13.77
C VAL A 285 -3.21 -5.33 -14.22
N ARG A 286 -3.22 -3.99 -14.19
CA ARG A 286 -2.04 -3.22 -14.54
C ARG A 286 -0.90 -3.46 -13.56
N VAL A 287 -1.22 -3.49 -12.26
CA VAL A 287 -0.20 -3.77 -11.25
C VAL A 287 0.48 -5.10 -11.53
N GLY A 288 -0.31 -6.15 -11.66
CA GLY A 288 0.20 -7.48 -11.96
C GLY A 288 0.99 -7.56 -13.25
N GLU A 289 0.58 -6.81 -14.26
CA GLU A 289 1.28 -6.77 -15.53
C GLU A 289 2.65 -6.13 -15.40
N PHE A 290 2.72 -5.03 -14.66
CA PHE A 290 3.98 -4.33 -14.43
C PHE A 290 4.95 -5.24 -13.69
N MET A 291 4.44 -5.98 -12.70
CA MET A 291 5.25 -6.93 -11.97
C MET A 291 5.85 -7.99 -12.89
N ARG A 292 5.02 -8.52 -13.80
CA ARG A 292 5.51 -9.54 -14.73
C ARG A 292 6.49 -8.98 -15.76
N GLU A 293 6.29 -7.72 -16.14
CA GLU A 293 7.21 -7.05 -17.05
C GLU A 293 8.60 -6.93 -16.42
N GLN A 294 8.65 -6.51 -15.17
CA GLN A 294 9.91 -6.35 -14.47
C GLN A 294 10.59 -7.69 -14.20
N TRP A 295 9.80 -8.75 -14.02
CA TRP A 295 10.34 -10.09 -13.82
C TRP A 295 10.89 -10.68 -15.12
N ALA A 296 10.24 -10.36 -16.22
CA ALA A 296 10.71 -10.79 -17.54
C ALA A 296 11.58 -9.69 -18.16
N ALA A 297 12.71 -9.40 -17.52
CA ALA A 297 13.60 -8.35 -17.99
C ALA A 297 14.99 -8.51 -17.38
S SO4 B . -0.37 -5.79 16.13
O1 SO4 B . -0.24 -4.34 16.05
O2 SO4 B . -0.71 -6.32 14.80
O3 SO4 B . 0.89 -6.37 16.57
O4 SO4 B . -1.42 -6.14 17.08
S SO4 C . -17.76 14.42 -7.38
O1 SO4 C . -18.64 15.49 -7.82
O2 SO4 C . -17.59 13.45 -8.46
O3 SO4 C . -16.45 14.97 -7.03
O4 SO4 C . -18.34 13.76 -6.21
S SO4 D . -9.35 6.75 20.89
O1 SO4 D . -9.62 5.34 20.61
O2 SO4 D . -8.11 6.86 21.66
O3 SO4 D . -9.21 7.47 19.63
O4 SO4 D . -10.45 7.31 21.66
#